data_8V7G
#
_entry.id   8V7G
#
_cell.length_a   98.360
_cell.length_b   98.360
_cell.length_c   82.047
_cell.angle_alpha   90.00
_cell.angle_beta   90.00
_cell.angle_gamma   120.00
#
_symmetry.space_group_name_H-M   'P 61'
#
loop_
_entity.id
_entity.type
_entity.pdbx_description
1 polymer 'DNA polymerase eta'
2 polymer "DNA (5'-D(*CP*AP*TP*TP*GP*TP*GP*AP*CP*GP*CP*T)-3')"
3 polymer "DNA (5'-D(*AP*GP*CP*GP*TP*CP*AP*(U7B))-3')"
4 non-polymer 'MAGNESIUM ION'
5 non-polymer "2'-deoxy-5'-O-[(R)-hydroxy{[(R)-hydroxy(phosphonooxy)phosphoryl]amino}phosphoryl]adenosine"
6 non-polymer GLYCEROL
7 water water
#
loop_
_entity_poly.entity_id
_entity_poly.type
_entity_poly.pdbx_seq_one_letter_code
_entity_poly.pdbx_strand_id
1 'polypeptide(L)'
;GPHMATGQDRVVALVDMDCFFVQVEQRQNPHLRNKPCAVVQYKSWKGGGIIAVSYEARAFGVTRSMWADDAKKLCPDLLL
AQVRESRGKANLTKYREASVEVMEIMSRFAVIERASIDEAYVDLTSAVQERLQKLQGQPISADLLPSTYIEGLPQGPTTA
EETVQKEGMRKQGLFQWLDSLQIDNLTSPDLQLTVGAVIVEEMRAAIERETGFQCSAGISHNKVLAKLACGLNKPNRQTL
VSHGSVPQLFSQMPIRKIRSLGGKLGASVIEILGIEYMGELTQFTESQLQSHFGEKNGSWLYAMCRGIEHDPVKPRQLPK
TIGCSKNFPGKTALATREQVQWWLLQLAQELEERLTKDRNDNDRVATQLVVSIRVQGDKRLSSLRRCCALTRYDAHKMSH
DAFTVIKNCNTSGIQTEWSPPLTMLFLCATKFSAS
;
A
2 'polydeoxyribonucleotide' (DC)(DA)(DT)(DT)(DG)(DT)(DG)(DA)(DC)(DG)(DC)(DT) T
3 'polydeoxyribonucleotide' (DA)(DG)(DC)(DG)(DT)(DC)(DA)(U7B) P
#
loop_
_chem_comp.id
_chem_comp.type
_chem_comp.name
_chem_comp.formula
DA DNA linking 2'-DEOXYADENOSINE-5'-MONOPHOSPHATE 'C10 H14 N5 O6 P'
DC DNA linking 2'-DEOXYCYTIDINE-5'-MONOPHOSPHATE 'C9 H14 N3 O7 P'
DG DNA linking 2'-DEOXYGUANOSINE-5'-MONOPHOSPHATE 'C10 H14 N5 O7 P'
DT DNA linking THYMIDINE-5'-MONOPHOSPHATE 'C10 H15 N2 O8 P'
DZ4 non-polymer 2'-deoxy-5'-O-[(R)-hydroxy{[(R)-hydroxy(phosphonooxy)phosphoryl]amino}phosphoryl]adenosine 'C10 H17 N6 O11 P3'
GOL non-polymer GLYCEROL 'C3 H8 O3'
MG non-polymer 'MAGNESIUM ION' 'Mg 2'
U7B DNA linking 2'-deoxy-2'2'-difluorodeoxycytidine 'C9 H12 F2 N3 O7 P'
#
# COMPACT_ATOMS: atom_id res chain seq x y z
N GLY A 1 17.18 -29.64 10.74
CA GLY A 1 16.67 -29.96 12.07
C GLY A 1 16.97 -28.89 13.10
N PRO A 2 17.93 -29.18 14.00
CA PRO A 2 18.25 -28.22 15.07
C PRO A 2 18.84 -26.90 14.57
N HIS A 3 19.32 -26.85 13.32
CA HIS A 3 19.98 -25.66 12.81
C HIS A 3 19.27 -24.99 11.65
N MET A 4 18.11 -25.51 11.24
CA MET A 4 17.33 -24.89 10.16
C MET A 4 16.45 -23.81 10.81
N ALA A 5 16.85 -22.55 10.62
CA ALA A 5 16.06 -21.44 11.13
C ALA A 5 14.70 -21.40 10.41
N THR A 6 13.65 -21.08 11.17
CA THR A 6 12.28 -21.22 10.68
C THR A 6 11.61 -19.89 10.43
N GLY A 7 12.32 -18.78 10.59
CA GLY A 7 11.74 -17.47 10.34
C GLY A 7 10.61 -17.16 11.30
N GLN A 8 10.78 -17.52 12.58
CA GLN A 8 9.74 -17.34 13.58
C GLN A 8 10.18 -16.39 14.68
N ASP A 9 11.19 -15.56 14.40
CA ASP A 9 11.85 -14.70 15.37
C ASP A 9 11.09 -13.41 15.67
N ARG A 10 10.23 -12.96 14.75
CA ARG A 10 9.57 -11.67 14.88
C ARG A 10 8.07 -11.85 14.85
N VAL A 11 7.35 -10.85 15.37
CA VAL A 11 5.91 -10.73 15.15
C VAL A 11 5.70 -9.44 14.36
N VAL A 12 5.13 -9.56 13.16
CA VAL A 12 4.96 -8.45 12.24
C VAL A 12 3.50 -8.37 11.87
N ALA A 13 2.94 -7.16 11.90
CA ALA A 13 1.58 -6.98 11.41
C ALA A 13 1.59 -6.01 10.25
N LEU A 14 0.57 -6.13 9.41
CA LEU A 14 0.28 -5.19 8.35
C LEU A 14 -1.14 -4.72 8.52
N VAL A 15 -1.33 -3.41 8.68
CA VAL A 15 -2.65 -2.82 8.86
C VAL A 15 -2.96 -2.04 7.60
N ASP A 16 -4.12 -2.33 7.00
CA ASP A 16 -4.57 -1.71 5.75
C ASP A 16 -5.99 -1.20 5.88
N MET A 17 -6.18 0.07 5.55
CA MET A 17 -7.48 0.68 5.76
C MET A 17 -8.45 0.09 4.73
N ASP A 18 -9.68 -0.15 5.17
CA ASP A 18 -10.71 -0.62 4.24
C ASP A 18 -11.21 0.52 3.37
N CYS A 19 -11.31 0.27 2.06
CA CYS A 19 -11.78 1.21 1.04
C CYS A 19 -11.49 2.66 1.47
N PHE A 20 -10.20 2.99 1.62
CA PHE A 20 -9.80 4.12 2.48
C PHE A 20 -10.39 5.45 2.03
N PHE A 21 -10.19 5.85 0.77
CA PHE A 21 -10.70 7.17 0.37
C PHE A 21 -12.21 7.25 0.51
N VAL A 22 -12.92 6.14 0.24
CA VAL A 22 -14.35 6.12 0.47
C VAL A 22 -14.68 6.37 1.95
N GLN A 23 -13.98 5.71 2.88
CA GLN A 23 -14.26 5.96 4.29
C GLN A 23 -13.98 7.42 4.69
N VAL A 24 -12.93 8.02 4.14
CA VAL A 24 -12.67 9.44 4.40
C VAL A 24 -13.87 10.28 3.96
N GLU A 25 -14.40 9.99 2.77
CA GLU A 25 -15.55 10.76 2.28
C GLU A 25 -16.83 10.44 3.05
N GLN A 26 -16.99 9.18 3.50
CA GLN A 26 -18.18 8.79 4.26
C GLN A 26 -18.18 9.40 5.66
N ARG A 27 -17.00 9.56 6.25
CA ARG A 27 -16.95 10.26 7.53
C ARG A 27 -17.41 11.70 7.36
N GLN A 28 -16.94 12.35 6.29
CA GLN A 28 -17.26 13.76 6.08
C GLN A 28 -18.74 13.95 5.73
N ASN A 29 -19.29 13.04 4.95
CA ASN A 29 -20.66 13.16 4.44
C ASN A 29 -21.45 11.93 4.87
N PRO A 30 -22.22 12.00 5.96
CA PRO A 30 -22.97 10.83 6.45
C PRO A 30 -23.96 10.25 5.46
N HIS A 31 -24.43 11.05 4.49
CA HIS A 31 -25.32 10.55 3.44
C HIS A 31 -24.70 9.41 2.64
N LEU A 32 -23.37 9.30 2.63
CA LEU A 32 -22.69 8.27 1.86
C LEU A 32 -22.47 6.98 2.64
N ARG A 33 -22.71 7.00 3.95
CA ARG A 33 -22.39 5.86 4.79
C ARG A 33 -23.29 4.67 4.46
N ASN A 34 -22.71 3.46 4.49
CA ASN A 34 -23.46 2.22 4.31
C ASN A 34 -24.20 2.20 2.99
N LYS A 35 -23.56 2.71 1.94
CA LYS A 35 -24.12 2.79 0.62
C LYS A 35 -23.11 2.29 -0.40
N PRO A 36 -23.57 1.84 -1.57
CA PRO A 36 -22.65 1.67 -2.70
C PRO A 36 -22.13 3.03 -3.10
N CYS A 37 -20.83 3.24 -2.90
N CYS A 37 -20.81 3.21 -2.97
CA CYS A 37 -20.26 4.51 -3.32
CA CYS A 37 -20.20 4.53 -3.11
C CYS A 37 -18.80 4.34 -3.68
N ALA A 38 -18.32 5.31 -4.43
CA ALA A 38 -16.96 5.28 -4.95
C ALA A 38 -16.40 6.70 -4.96
N VAL A 39 -15.08 6.78 -5.01
CA VAL A 39 -14.38 8.06 -5.13
C VAL A 39 -13.83 8.17 -6.53
N VAL A 40 -14.05 9.32 -7.18
CA VAL A 40 -13.73 9.53 -8.58
C VAL A 40 -12.80 10.73 -8.72
N GLN A 41 -11.93 10.67 -9.73
CA GLN A 41 -11.04 11.77 -10.10
C GLN A 41 -11.50 12.31 -11.45
N TYR A 42 -11.73 13.63 -11.52
CA TYR A 42 -12.20 14.32 -12.70
C TYR A 42 -13.62 13.86 -13.02
N LYS A 43 -14.20 14.34 -14.11
CA LYS A 43 -15.61 14.07 -14.35
C LYS A 43 -15.99 14.15 -15.82
N SER A 44 -15.29 15.03 -16.56
CA SER A 44 -15.66 15.28 -17.94
C SER A 44 -15.56 14.03 -18.80
N TRP A 45 -14.45 13.29 -18.70
CA TRP A 45 -14.22 12.11 -19.55
C TRP A 45 -14.86 10.90 -18.87
N LYS A 46 -16.00 10.49 -19.42
CA LYS A 46 -16.67 9.23 -19.05
C LYS A 46 -17.09 9.22 -17.58
N GLY A 47 -17.35 10.39 -17.02
CA GLY A 47 -17.82 10.52 -15.66
C GLY A 47 -16.73 10.54 -14.60
N GLY A 48 -15.47 10.42 -15.00
CA GLY A 48 -14.35 10.39 -14.10
C GLY A 48 -13.85 8.97 -13.86
N GLY A 49 -12.63 8.87 -13.34
CA GLY A 49 -12.01 7.59 -13.07
C GLY A 49 -12.12 7.22 -11.60
N ILE A 50 -12.61 6.00 -11.35
CA ILE A 50 -12.80 5.50 -9.99
C ILE A 50 -11.47 5.08 -9.40
N ILE A 51 -11.18 5.53 -8.18
CA ILE A 51 -9.97 5.13 -7.49
C ILE A 51 -10.22 4.40 -6.17
N ALA A 52 -11.46 4.37 -5.66
CA ALA A 52 -11.79 3.62 -4.44
C ALA A 52 -13.27 3.28 -4.46
N VAL A 53 -13.62 2.11 -3.89
CA VAL A 53 -14.95 1.51 -4.03
C VAL A 53 -15.39 0.91 -2.71
N SER A 54 -16.57 1.31 -2.22
CA SER A 54 -17.10 0.70 -1.01
C SER A 54 -17.46 -0.75 -1.26
N TYR A 55 -17.51 -1.52 -0.17
CA TYR A 55 -17.77 -2.96 -0.33
C TYR A 55 -19.18 -3.22 -0.85
N GLU A 56 -20.13 -2.36 -0.49
CA GLU A 56 -21.47 -2.46 -1.06
C GLU A 56 -21.44 -2.31 -2.58
N ALA A 57 -20.64 -1.36 -3.08
CA ALA A 57 -20.53 -1.18 -4.52
C ALA A 57 -19.75 -2.32 -5.17
N ARG A 58 -18.75 -2.87 -4.48
CA ARG A 58 -18.01 -4.01 -5.04
C ARG A 58 -18.93 -5.20 -5.29
N ALA A 59 -20.00 -5.34 -4.50
CA ALA A 59 -20.94 -6.45 -4.73
C ALA A 59 -21.63 -6.36 -6.09
N PHE A 60 -21.67 -5.19 -6.71
CA PHE A 60 -22.24 -5.01 -8.04
C PHE A 60 -21.21 -5.14 -9.15
N GLY A 61 -19.94 -5.33 -8.81
CA GLY A 61 -18.88 -5.42 -9.78
C GLY A 61 -18.12 -4.13 -10.03
N VAL A 62 -18.37 -3.08 -9.26
CA VAL A 62 -17.64 -1.83 -9.44
C VAL A 62 -16.21 -2.03 -8.96
N THR A 63 -15.24 -1.59 -9.76
CA THR A 63 -13.83 -1.72 -9.40
C THR A 63 -13.10 -0.41 -9.63
N ARG A 64 -11.93 -0.31 -8.99
CA ARG A 64 -11.01 0.79 -9.31
C ARG A 64 -10.62 0.71 -10.79
N SER A 65 -10.28 1.84 -11.40
CA SER A 65 -9.88 1.92 -12.83
C SER A 65 -11.09 2.07 -13.75
N MET A 66 -12.25 1.72 -13.26
CA MET A 66 -13.48 1.81 -14.08
C MET A 66 -13.88 3.28 -14.24
N TRP A 67 -14.40 3.62 -15.41
CA TRP A 67 -14.99 4.97 -15.58
C TRP A 67 -16.32 4.99 -14.83
N ALA A 68 -16.64 6.14 -14.24
CA ALA A 68 -17.89 6.24 -13.47
C ALA A 68 -19.12 5.92 -14.33
N ASP A 69 -19.14 6.37 -15.59
CA ASP A 69 -20.30 6.07 -16.45
C ASP A 69 -20.50 4.56 -16.58
N ASP A 70 -19.40 3.81 -16.67
CA ASP A 70 -19.50 2.36 -16.80
C ASP A 70 -19.91 1.71 -15.47
N ALA A 71 -19.35 2.21 -14.37
CA ALA A 71 -19.75 1.73 -13.06
C ALA A 71 -21.24 1.92 -12.83
N LYS A 72 -21.79 3.04 -13.32
CA LYS A 72 -23.22 3.31 -13.22
C LYS A 72 -24.05 2.31 -14.01
N LYS A 73 -23.48 1.76 -15.10
CA LYS A 73 -24.18 0.67 -15.78
C LYS A 73 -24.32 -0.55 -14.87
N LEU A 74 -23.29 -0.85 -14.07
CA LEU A 74 -23.41 -2.00 -13.15
C LEU A 74 -24.25 -1.69 -11.92
N CYS A 75 -24.25 -0.43 -11.49
CA CYS A 75 -24.82 -0.01 -10.21
C CYS A 75 -25.44 1.36 -10.41
N PRO A 76 -26.68 1.42 -10.89
CA PRO A 76 -27.28 2.73 -11.20
C PRO A 76 -27.46 3.63 -9.99
N ASP A 77 -27.51 3.08 -8.78
CA ASP A 77 -27.64 3.86 -7.56
C ASP A 77 -26.31 4.22 -6.92
N LEU A 78 -25.19 3.95 -7.60
CA LEU A 78 -23.86 4.25 -7.05
C LEU A 78 -23.74 5.71 -6.70
N LEU A 79 -23.30 6.00 -5.48
CA LEU A 79 -23.00 7.36 -5.09
C LEU A 79 -21.52 7.66 -5.33
N LEU A 80 -21.23 8.91 -5.63
CA LEU A 80 -19.88 9.31 -5.97
C LEU A 80 -19.42 10.49 -5.13
N ALA A 81 -18.18 10.44 -4.70
CA ALA A 81 -17.51 11.61 -4.14
C ALA A 81 -16.32 11.94 -5.02
N GLN A 82 -16.13 13.24 -5.33
CA GLN A 82 -15.03 13.63 -6.20
C GLN A 82 -13.81 14.10 -5.41
N VAL A 83 -12.64 13.71 -5.91
CA VAL A 83 -11.39 14.26 -5.41
C VAL A 83 -11.36 15.76 -5.67
N ARG A 84 -10.85 16.52 -4.69
CA ARG A 84 -10.73 17.97 -4.81
C ARG A 84 -9.84 18.33 -5.99
N GLU A 85 -10.16 19.40 -6.65
CA GLU A 85 -9.34 19.93 -7.73
C GLU A 85 -8.82 21.29 -7.30
N SER A 86 -7.50 21.48 -7.45
CA SER A 86 -6.83 22.74 -7.16
C SER A 86 -5.78 22.97 -8.23
N ARG A 87 -5.66 24.22 -8.68
CA ARG A 87 -4.70 24.61 -9.72
C ARG A 87 -4.82 23.71 -10.95
N GLY A 88 -6.05 23.33 -11.27
CA GLY A 88 -6.35 22.52 -12.43
C GLY A 88 -6.05 21.04 -12.33
N LYS A 89 -5.75 20.53 -11.14
CA LYS A 89 -5.38 19.12 -11.02
C LYS A 89 -6.00 18.52 -9.76
N ALA A 90 -6.13 17.20 -9.77
CA ALA A 90 -6.56 16.50 -8.57
C ALA A 90 -5.57 16.73 -7.45
N ASN A 91 -6.11 16.93 -6.24
CA ASN A 91 -5.31 17.26 -5.07
C ASN A 91 -5.69 16.29 -3.95
N LEU A 92 -4.71 15.51 -3.49
CA LEU A 92 -4.96 14.39 -2.58
C LEU A 92 -4.77 14.76 -1.09
N THR A 93 -4.74 16.06 -0.76
CA THR A 93 -4.40 16.49 0.59
C THR A 93 -5.32 15.88 1.65
N LYS A 94 -6.64 15.83 1.40
CA LYS A 94 -7.56 15.29 2.40
C LYS A 94 -7.18 13.87 2.81
N TYR A 95 -6.72 13.07 1.85
CA TYR A 95 -6.41 11.66 2.11
C TYR A 95 -5.05 11.52 2.74
N ARG A 96 -4.09 12.38 2.37
CA ARG A 96 -2.81 12.40 3.08
C ARG A 96 -2.99 12.78 4.55
N GLU A 97 -3.84 13.76 4.82
CA GLU A 97 -4.07 14.17 6.21
C GLU A 97 -4.80 13.09 7.00
N ALA A 98 -5.77 12.40 6.38
CA ALA A 98 -6.43 11.29 7.08
C ALA A 98 -5.44 10.15 7.35
N SER A 99 -4.53 9.93 6.39
CA SER A 99 -3.48 8.93 6.61
C SER A 99 -2.63 9.27 7.83
N VAL A 100 -2.25 10.54 7.97
CA VAL A 100 -1.46 10.93 9.14
C VAL A 100 -2.23 10.65 10.44
N GLU A 101 -3.55 10.88 10.43
CA GLU A 101 -4.34 10.55 11.65
C GLU A 101 -4.12 9.09 12.05
N VAL A 102 -4.22 8.21 11.06
CA VAL A 102 -4.09 6.77 11.35
C VAL A 102 -2.67 6.41 11.75
N MET A 103 -1.68 6.89 10.98
CA MET A 103 -0.29 6.53 11.26
C MET A 103 0.14 7.00 12.65
N GLU A 104 -0.35 8.16 13.09
CA GLU A 104 0.03 8.65 14.42
C GLU A 104 -0.56 7.77 15.51
N ILE A 105 -1.79 7.26 15.32
CA ILE A 105 -2.33 6.32 16.30
C ILE A 105 -1.52 5.01 16.33
N MET A 106 -1.22 4.47 15.16
CA MET A 106 -0.45 3.22 15.13
C MET A 106 0.90 3.37 15.81
N SER A 107 1.55 4.53 15.63
CA SER A 107 2.87 4.77 16.22
C SER A 107 2.86 4.76 17.75
N ARG A 108 1.70 4.93 18.40
CA ARG A 108 1.67 4.81 19.86
C ARG A 108 1.99 3.40 20.31
N PHE A 109 1.65 2.41 19.49
CA PHE A 109 1.81 1.02 19.89
C PHE A 109 3.18 0.45 19.57
N ALA A 110 3.81 0.89 18.48
CA ALA A 110 5.07 0.32 18.06
C ALA A 110 5.62 1.16 16.93
N VAL A 111 6.89 0.91 16.60
CA VAL A 111 7.49 1.50 15.41
C VAL A 111 6.79 0.99 14.16
N ILE A 112 6.47 1.90 13.24
CA ILE A 112 5.78 1.53 12.01
C ILE A 112 6.60 1.95 10.80
N GLU A 113 6.38 1.20 9.71
CA GLU A 113 6.87 1.52 8.38
C GLU A 113 5.68 1.88 7.50
N ARG A 114 5.62 3.14 7.06
CA ARG A 114 4.56 3.58 6.14
C ARG A 114 4.78 2.96 4.78
N ALA A 115 3.93 2.01 4.42
CA ALA A 115 4.07 1.31 3.16
C ALA A 115 3.21 1.87 2.05
N SER A 116 2.13 2.55 2.39
CA SER A 116 1.37 3.31 1.39
C SER A 116 0.55 4.34 2.14
N ILE A 117 -0.24 5.12 1.39
CA ILE A 117 -1.10 6.11 2.02
C ILE A 117 -2.05 5.48 3.04
N ASP A 118 -2.40 4.19 2.89
CA ASP A 118 -3.35 3.59 3.82
C ASP A 118 -2.83 2.34 4.53
N GLU A 119 -1.51 2.09 4.54
CA GLU A 119 -1.10 0.88 5.25
C GLU A 119 0.27 1.04 5.83
N ALA A 120 0.48 0.32 6.92
CA ALA A 120 1.76 0.34 7.61
C ALA A 120 2.06 -1.04 8.19
N TYR A 121 3.33 -1.41 8.16
CA TYR A 121 3.83 -2.58 8.88
C TYR A 121 4.19 -2.17 10.30
N VAL A 122 4.02 -3.13 11.20
CA VAL A 122 4.29 -2.90 12.64
C VAL A 122 5.18 -4.04 13.13
N ASP A 123 6.29 -3.73 13.79
CA ASP A 123 7.13 -4.78 14.43
C ASP A 123 6.66 -4.90 15.88
N LEU A 124 5.93 -5.95 16.19
CA LEU A 124 5.33 -6.13 17.50
C LEU A 124 6.15 -7.03 18.41
N THR A 125 7.34 -7.46 17.98
CA THR A 125 8.12 -8.41 18.77
C THR A 125 8.30 -7.95 20.21
N SER A 126 8.71 -6.69 20.40
CA SER A 126 9.00 -6.20 21.75
C SER A 126 7.71 -6.02 22.55
C SER A 126 7.71 -6.02 22.55
N ALA A 127 6.69 -5.42 21.93
CA ALA A 127 5.41 -5.27 22.60
C ALA A 127 4.83 -6.61 23.04
N VAL A 128 5.04 -7.65 22.21
CA VAL A 128 4.56 -8.98 22.55
C VAL A 128 5.30 -9.53 23.77
N GLN A 129 6.61 -9.38 23.81
CA GLN A 129 7.36 -9.87 25.01
C GLN A 129 6.85 -9.12 26.24
N GLU A 130 6.68 -7.82 26.10
CA GLU A 130 6.23 -7.03 27.25
C GLU A 130 4.88 -7.52 27.73
N ARG A 131 3.95 -7.77 26.80
CA ARG A 131 2.61 -8.21 27.16
C ARG A 131 2.63 -9.63 27.70
N LEU A 132 3.55 -10.46 27.22
CA LEU A 132 3.67 -11.82 27.74
C LEU A 132 4.11 -11.81 29.19
N GLN A 133 5.15 -11.03 29.50
CA GLN A 133 5.61 -10.93 30.88
C GLN A 133 4.57 -10.25 31.77
N LYS A 134 3.80 -9.30 31.21
CA LYS A 134 2.71 -8.69 31.97
C LYS A 134 1.60 -9.69 32.25
N LEU A 135 1.30 -10.55 31.27
CA LEU A 135 0.26 -11.56 31.45
C LEU A 135 0.61 -12.49 32.59
N GLN A 136 1.80 -13.08 32.54
CA GLN A 136 2.28 -14.05 33.52
C GLN A 136 1.50 -15.35 33.39
N GLY A 137 1.64 -16.00 32.23
CA GLY A 137 1.12 -17.33 32.01
C GLY A 137 -0.39 -17.48 31.98
N GLN A 138 -1.17 -16.39 32.04
CA GLN A 138 -2.61 -16.52 31.97
C GLN A 138 -3.04 -16.91 30.55
N PRO A 139 -4.00 -17.82 30.40
CA PRO A 139 -4.51 -18.14 29.06
C PRO A 139 -5.10 -16.90 28.37
N ILE A 140 -5.16 -16.98 27.05
CA ILE A 140 -5.73 -15.92 26.24
C ILE A 140 -7.18 -16.27 25.91
N SER A 141 -8.09 -15.39 26.31
CA SER A 141 -9.51 -15.62 26.09
C SER A 141 -9.92 -15.26 24.65
N ALA A 142 -10.83 -16.05 24.10
CA ALA A 142 -11.40 -15.73 22.79
C ALA A 142 -12.01 -14.33 22.78
N ASP A 143 -12.41 -13.81 23.93
CA ASP A 143 -13.01 -12.49 24.00
C ASP A 143 -12.02 -11.40 23.68
N LEU A 144 -10.71 -11.68 23.79
CA LEU A 144 -9.70 -10.71 23.40
C LEU A 144 -9.43 -10.69 21.90
N LEU A 145 -10.04 -11.60 21.13
CA LEU A 145 -9.81 -11.72 19.69
C LEU A 145 -11.14 -11.70 18.92
N PRO A 146 -11.96 -10.66 19.13
CA PRO A 146 -13.35 -10.69 18.60
C PRO A 146 -13.45 -10.55 17.09
N SER A 147 -12.36 -10.19 16.38
CA SER A 147 -12.45 -10.04 14.93
C SER A 147 -11.33 -10.80 14.23
N THR A 148 -10.74 -11.79 14.91
CA THR A 148 -9.58 -12.53 14.40
C THR A 148 -9.97 -13.85 13.77
N TYR A 149 -9.42 -14.10 12.58
CA TYR A 149 -9.47 -15.39 11.90
C TYR A 149 -8.13 -16.07 12.04
N ILE A 150 -8.15 -17.38 12.27
CA ILE A 150 -6.93 -18.18 12.28
C ILE A 150 -6.87 -18.94 10.96
N GLU A 151 -5.96 -18.55 10.06
CA GLU A 151 -5.93 -19.15 8.73
C GLU A 151 -5.65 -20.64 8.83
N GLY A 152 -6.47 -21.43 8.12
CA GLY A 152 -6.37 -22.88 8.11
C GLY A 152 -7.30 -23.58 9.07
N LEU A 153 -7.91 -22.85 9.99
CA LEU A 153 -8.84 -23.43 10.96
C LEU A 153 -10.24 -22.85 10.76
N PRO A 154 -11.28 -23.60 11.12
CA PRO A 154 -11.27 -24.93 11.73
C PRO A 154 -10.91 -26.02 10.75
N GLN A 155 -10.24 -27.11 11.11
CA GLN A 155 -10.00 -28.25 10.25
CA GLN A 155 -10.00 -28.26 10.24
C GLN A 155 -10.29 -29.52 11.04
N GLY A 156 -10.12 -30.69 10.42
CA GLY A 156 -10.20 -31.98 11.04
C GLY A 156 -11.61 -32.42 11.34
N PRO A 157 -11.76 -33.53 12.07
CA PRO A 157 -13.06 -34.14 12.39
C PRO A 157 -13.86 -33.35 13.42
N THR A 163 -22.09 -25.80 11.96
CA THR A 163 -22.41 -24.40 11.75
C THR A 163 -22.20 -24.00 10.28
N VAL A 164 -23.05 -23.09 9.79
CA VAL A 164 -23.01 -22.68 8.39
C VAL A 164 -23.03 -21.17 8.27
N GLN A 165 -22.74 -20.47 9.37
CA GLN A 165 -22.66 -19.01 9.39
C GLN A 165 -21.22 -18.56 9.58
N LYS A 166 -20.88 -17.43 8.96
CA LYS A 166 -19.48 -16.99 8.90
C LYS A 166 -18.89 -16.79 10.29
N GLU A 167 -19.60 -16.07 11.17
CA GLU A 167 -19.08 -15.82 12.50
C GLU A 167 -18.91 -17.11 13.29
N GLY A 168 -19.84 -18.05 13.13
CA GLY A 168 -19.71 -19.32 13.82
C GLY A 168 -18.45 -20.07 13.44
N MET A 169 -18.14 -20.12 12.14
CA MET A 169 -16.91 -20.79 11.65
C MET A 169 -15.67 -20.04 12.16
N ARG A 170 -15.71 -18.70 12.15
CA ARG A 170 -14.57 -17.95 12.70
C ARG A 170 -14.30 -18.37 14.12
N LYS A 171 -15.35 -18.43 14.95
CA LYS A 171 -15.17 -18.79 16.35
C LYS A 171 -14.73 -20.23 16.51
N GLN A 172 -15.22 -21.13 15.68
CA GLN A 172 -14.76 -22.54 15.75
C GLN A 172 -13.25 -22.60 15.50
N GLY A 173 -12.79 -21.91 14.46
CA GLY A 173 -11.36 -21.91 14.18
C GLY A 173 -10.55 -21.31 15.31
N LEU A 174 -11.02 -20.18 15.86
CA LEU A 174 -10.35 -19.54 16.97
C LEU A 174 -10.30 -20.44 18.21
N PHE A 175 -11.40 -21.14 18.50
CA PHE A 175 -11.43 -22.07 19.62
C PHE A 175 -10.42 -23.19 19.45
N GLN A 176 -10.33 -23.76 18.24
CA GLN A 176 -9.36 -24.83 18.00
C GLN A 176 -7.95 -24.33 18.27
N TRP A 177 -7.66 -23.13 17.75
CA TRP A 177 -6.34 -22.53 17.92
C TRP A 177 -6.02 -22.30 19.40
N LEU A 178 -6.94 -21.64 20.12
CA LEU A 178 -6.68 -21.32 21.51
C LEU A 178 -6.60 -22.57 22.38
N ASP A 179 -7.38 -23.60 22.06
CA ASP A 179 -7.31 -24.84 22.83
C ASP A 179 -5.97 -25.53 22.66
N SER A 180 -5.32 -25.34 21.54
CA SER A 180 -4.03 -26.04 21.28
C SER A 180 -2.82 -25.21 21.74
N LEU A 181 -3.03 -24.02 22.28
CA LEU A 181 -1.92 -23.12 22.59
C LEU A 181 -1.16 -23.49 23.87
N GLN A 182 0.17 -23.37 23.80
CA GLN A 182 1.07 -23.69 24.92
C GLN A 182 1.50 -22.39 25.60
N ILE A 183 0.67 -21.92 26.55
CA ILE A 183 0.86 -20.61 27.15
C ILE A 183 1.97 -20.54 28.18
N ASP A 184 2.53 -21.70 28.57
CA ASP A 184 3.61 -21.70 29.55
C ASP A 184 4.94 -21.26 28.96
N ASN A 185 5.08 -21.31 27.64
CA ASN A 185 6.35 -21.07 26.95
C ASN A 185 6.29 -19.66 26.38
N LEU A 186 7.01 -18.72 27.02
CA LEU A 186 7.10 -17.35 26.51
C LEU A 186 7.82 -17.27 25.17
N THR A 187 8.44 -18.36 24.72
CA THR A 187 9.16 -18.39 23.46
C THR A 187 8.44 -19.17 22.37
N SER A 188 7.22 -19.66 22.62
CA SER A 188 6.45 -20.33 21.56
C SER A 188 6.07 -19.32 20.48
N PRO A 189 6.51 -19.50 19.24
CA PRO A 189 6.12 -18.56 18.18
C PRO A 189 4.60 -18.43 18.02
N ASP A 190 3.84 -19.53 18.13
CA ASP A 190 2.39 -19.45 17.98
C ASP A 190 1.78 -18.58 19.07
N LEU A 191 2.31 -18.69 20.30
CA LEU A 191 1.81 -17.87 21.40
C LEU A 191 2.15 -16.41 21.14
N GLN A 192 3.37 -16.13 20.67
CA GLN A 192 3.75 -14.77 20.34
C GLN A 192 2.84 -14.18 19.28
N LEU A 193 2.53 -14.94 18.24
CA LEU A 193 1.62 -14.42 17.23
C LEU A 193 0.24 -14.12 17.82
N THR A 194 -0.24 -14.99 18.71
CA THR A 194 -1.54 -14.79 19.33
C THR A 194 -1.57 -13.50 20.13
N VAL A 195 -0.54 -13.27 20.94
CA VAL A 195 -0.45 -12.02 21.70
C VAL A 195 -0.37 -10.84 20.74
N GLY A 196 0.39 -11.00 19.66
CA GLY A 196 0.42 -9.96 18.63
C GLY A 196 -0.97 -9.64 18.11
N ALA A 197 -1.77 -10.67 17.87
CA ALA A 197 -3.14 -10.46 17.41
C ALA A 197 -3.98 -9.71 18.44
N VAL A 198 -3.79 -10.01 19.73
CA VAL A 198 -4.47 -9.26 20.79
C VAL A 198 -4.12 -7.77 20.71
N ILE A 199 -2.83 -7.47 20.55
CA ILE A 199 -2.41 -6.08 20.43
C ILE A 199 -3.02 -5.44 19.20
N VAL A 200 -3.07 -6.18 18.08
CA VAL A 200 -3.60 -5.56 16.85
C VAL A 200 -5.11 -5.31 16.99
N GLU A 201 -5.83 -6.17 17.71
CA GLU A 201 -7.22 -5.84 18.05
C GLU A 201 -7.31 -4.52 18.78
N GLU A 202 -6.43 -4.31 19.76
CA GLU A 202 -6.43 -3.04 20.50
C GLU A 202 -6.11 -1.87 19.57
N MET A 203 -5.10 -2.03 18.70
CA MET A 203 -4.72 -1.00 17.74
C MET A 203 -5.88 -0.65 16.82
N ARG A 204 -6.53 -1.66 16.25
CA ARG A 204 -7.62 -1.42 15.32
C ARG A 204 -8.81 -0.79 16.00
N ALA A 205 -9.08 -1.19 17.26
CA ALA A 205 -10.13 -0.53 18.04
C ALA A 205 -9.82 0.93 18.28
N ALA A 206 -8.55 1.25 18.59
CA ALA A 206 -8.15 2.65 18.77
C ALA A 206 -8.31 3.45 17.48
N ILE A 207 -7.91 2.87 16.36
CA ILE A 207 -8.05 3.57 15.08
C ILE A 207 -9.53 3.89 14.84
N GLU A 208 -10.40 2.89 14.99
CA GLU A 208 -11.82 3.13 14.74
C GLU A 208 -12.41 4.13 15.72
N ARG A 209 -12.10 3.99 17.02
CA ARG A 209 -12.64 4.92 18.01
C ARG A 209 -12.22 6.34 17.70
N GLU A 210 -10.95 6.56 17.35
CA GLU A 210 -10.36 7.90 17.30
C GLU A 210 -10.44 8.54 15.93
N THR A 211 -10.79 7.78 14.88
CA THR A 211 -10.92 8.36 13.54
C THR A 211 -12.25 8.04 12.88
N GLY A 212 -12.96 7.00 13.32
CA GLY A 212 -14.13 6.50 12.62
C GLY A 212 -13.81 5.50 11.53
N PHE A 213 -12.54 5.27 11.22
CA PHE A 213 -12.15 4.44 10.10
C PHE A 213 -11.94 3.00 10.54
N GLN A 214 -12.48 2.07 9.75
CA GLN A 214 -12.24 0.65 9.93
C GLN A 214 -11.07 0.17 9.06
N CYS A 215 -10.45 -0.92 9.51
CA CYS A 215 -9.32 -1.46 8.75
C CYS A 215 -9.26 -2.96 8.95
N SER A 216 -8.43 -3.58 8.14
CA SER A 216 -8.12 -5.00 8.31
C SER A 216 -6.64 -5.13 8.61
N ALA A 217 -6.25 -6.31 9.10
CA ALA A 217 -4.85 -6.52 9.44
C ALA A 217 -4.45 -7.97 9.26
N GLY A 218 -3.17 -8.16 8.99
CA GLY A 218 -2.54 -9.49 9.00
C GLY A 218 -1.50 -9.53 10.10
N ILE A 219 -1.41 -10.68 10.78
CA ILE A 219 -0.39 -10.90 11.80
C ILE A 219 0.37 -12.18 11.44
N SER A 220 1.67 -12.07 11.27
CA SER A 220 2.48 -13.25 11.01
C SER A 220 3.91 -12.97 11.47
N HIS A 221 4.87 -13.70 10.92
CA HIS A 221 6.26 -13.58 11.33
C HIS A 221 7.10 -12.69 10.43
N ASN A 222 6.53 -12.19 9.33
CA ASN A 222 7.28 -11.31 8.44
C ASN A 222 6.29 -10.46 7.64
N LYS A 223 6.85 -9.51 6.89
CA LYS A 223 6.02 -8.55 6.16
C LYS A 223 5.21 -9.21 5.05
N VAL A 224 5.82 -10.10 4.25
CA VAL A 224 5.09 -10.71 3.13
C VAL A 224 3.89 -11.51 3.62
N LEU A 225 4.09 -12.32 4.67
CA LEU A 225 2.97 -13.10 5.18
C LEU A 225 1.94 -12.23 5.87
N ALA A 226 2.37 -11.15 6.54
CA ALA A 226 1.40 -10.26 7.18
C ALA A 226 0.53 -9.57 6.13
N LYS A 227 1.14 -9.14 5.03
CA LYS A 227 0.39 -8.50 3.95
C LYS A 227 -0.58 -9.49 3.31
N LEU A 228 -0.11 -10.71 3.02
CA LEU A 228 -0.99 -11.75 2.48
C LEU A 228 -2.16 -12.04 3.42
N ALA A 229 -1.86 -12.18 4.71
CA ALA A 229 -2.88 -12.47 5.72
C ALA A 229 -3.95 -11.38 5.74
N CYS A 230 -3.53 -10.11 5.67
CA CYS A 230 -4.46 -9.00 5.78
C CYS A 230 -5.60 -9.13 4.77
N GLY A 231 -5.27 -9.54 3.54
CA GLY A 231 -6.28 -9.62 2.49
C GLY A 231 -7.24 -10.79 2.62
N LEU A 232 -6.89 -11.81 3.41
CA LEU A 232 -7.68 -13.04 3.46
C LEU A 232 -9.09 -12.81 3.99
N ASN A 233 -9.30 -11.79 4.85
CA ASN A 233 -10.62 -11.64 5.46
C ASN A 233 -11.07 -10.18 5.55
N LYS A 234 -10.67 -9.35 4.61
CA LYS A 234 -11.22 -8.00 4.48
C LYS A 234 -12.72 -8.07 4.18
N PRO A 235 -13.52 -7.11 4.66
CA PRO A 235 -13.12 -5.94 5.46
C PRO A 235 -13.35 -6.13 6.96
N ASN A 236 -12.77 -5.22 7.73
CA ASN A 236 -13.01 -5.08 9.17
C ASN A 236 -12.70 -6.36 9.95
N ARG A 237 -11.67 -7.10 9.52
CA ARG A 237 -11.28 -8.33 10.21
C ARG A 237 -9.77 -8.44 10.17
N GLN A 238 -9.22 -9.25 11.04
CA GLN A 238 -7.79 -9.49 11.04
C GLN A 238 -7.52 -10.98 11.00
N THR A 239 -6.38 -11.35 10.43
CA THR A 239 -6.08 -12.74 10.15
C THR A 239 -4.68 -13.08 10.63
N LEU A 240 -4.58 -14.16 11.41
CA LEU A 240 -3.31 -14.70 11.89
C LEU A 240 -2.88 -15.84 10.98
N VAL A 241 -1.69 -15.70 10.38
CA VAL A 241 -1.09 -16.73 9.54
C VAL A 241 0.13 -17.26 10.30
N SER A 242 0.00 -18.47 10.84
CA SER A 242 1.08 -19.08 11.58
C SER A 242 2.11 -19.70 10.64
N HIS A 243 3.30 -19.98 11.17
CA HIS A 243 4.30 -20.67 10.37
C HIS A 243 3.76 -22.01 9.88
N GLY A 244 3.07 -22.75 10.76
CA GLY A 244 2.54 -24.05 10.40
C GLY A 244 1.47 -24.00 9.33
N SER A 245 0.79 -22.88 9.17
CA SER A 245 -0.25 -22.75 8.16
C SER A 245 0.30 -22.59 6.74
N VAL A 246 1.60 -22.36 6.59
CA VAL A 246 2.15 -21.97 5.29
C VAL A 246 2.08 -23.10 4.26
N PRO A 247 2.42 -24.37 4.56
CA PRO A 247 2.36 -25.39 3.48
C PRO A 247 0.99 -25.49 2.83
N GLN A 248 -0.09 -25.59 3.63
CA GLN A 248 -1.41 -25.68 3.02
C GLN A 248 -1.79 -24.39 2.31
N LEU A 249 -1.51 -23.24 2.93
CA LEU A 249 -1.89 -21.96 2.32
C LEU A 249 -1.20 -21.76 0.99
N PHE A 250 0.09 -22.09 0.94
CA PHE A 250 0.85 -21.89 -0.29
C PHE A 250 0.59 -22.97 -1.33
N SER A 251 -0.02 -24.11 -0.94
CA SER A 251 -0.19 -25.21 -1.87
C SER A 251 -1.13 -24.87 -3.02
N GLN A 252 -2.04 -23.89 -2.83
CA GLN A 252 -2.92 -23.48 -3.91
C GLN A 252 -2.87 -21.97 -4.12
N MET A 253 -1.81 -21.31 -3.65
CA MET A 253 -1.72 -19.86 -3.68
C MET A 253 -1.06 -19.47 -5.01
N PRO A 254 -1.74 -18.81 -5.93
CA PRO A 254 -1.06 -18.34 -7.15
C PRO A 254 0.15 -17.48 -6.79
N ILE A 255 1.24 -17.71 -7.52
CA ILE A 255 2.48 -16.98 -7.30
C ILE A 255 2.27 -15.46 -7.34
N ARG A 256 1.38 -14.99 -8.23
CA ARG A 256 1.20 -13.54 -8.38
C ARG A 256 0.60 -12.87 -7.14
N LYS A 257 0.07 -13.63 -6.19
CA LYS A 257 -0.54 -13.04 -5.00
C LYS A 257 0.48 -12.59 -3.97
N ILE A 258 1.73 -13.01 -4.08
CA ILE A 258 2.75 -12.67 -3.11
C ILE A 258 3.36 -11.33 -3.49
N ARG A 259 3.52 -10.43 -2.52
CA ARG A 259 4.03 -9.10 -2.79
C ARG A 259 5.38 -9.18 -3.50
N SER A 260 5.49 -8.46 -4.62
CA SER A 260 6.63 -8.33 -5.54
C SER A 260 6.60 -9.34 -6.68
N LEU A 261 5.71 -10.33 -6.63
CA LEU A 261 5.61 -11.32 -7.69
C LEU A 261 4.39 -11.12 -8.60
N GLY A 262 3.70 -9.97 -8.48
CA GLY A 262 2.53 -9.70 -9.29
C GLY A 262 2.80 -9.20 -10.69
N GLY A 263 4.06 -9.07 -11.09
CA GLY A 263 4.44 -8.54 -12.38
C GLY A 263 5.32 -9.46 -13.21
N LYS A 264 6.29 -8.90 -13.93
CA LYS A 264 7.07 -9.69 -14.87
C LYS A 264 7.91 -10.75 -14.17
N LEU A 265 8.49 -10.46 -13.00
CA LEU A 265 9.28 -11.50 -12.32
C LEU A 265 8.42 -12.72 -12.02
N GLY A 266 7.24 -12.50 -11.42
CA GLY A 266 6.35 -13.62 -11.13
C GLY A 266 5.94 -14.39 -12.37
N ALA A 267 5.62 -13.68 -13.45
CA ALA A 267 5.29 -14.36 -14.70
C ALA A 267 6.48 -15.20 -15.19
N SER A 268 7.70 -14.71 -14.98
CA SER A 268 8.85 -15.50 -15.42
C SER A 268 9.07 -16.72 -14.53
N VAL A 269 8.79 -16.61 -13.23
CA VAL A 269 8.85 -17.79 -12.36
C VAL A 269 7.90 -18.87 -12.89
N ILE A 270 6.67 -18.45 -13.21
CA ILE A 270 5.66 -19.38 -13.72
C ILE A 270 6.11 -20.00 -15.04
N GLU A 271 6.58 -19.16 -15.97
CA GLU A 271 6.96 -19.63 -17.31
C GLU A 271 8.19 -20.52 -17.28
N ILE A 272 9.27 -20.06 -16.65
CA ILE A 272 10.55 -20.80 -16.69
C ILE A 272 10.42 -22.10 -15.91
N LEU A 273 9.71 -22.10 -14.77
CA LEU A 273 9.70 -23.30 -13.95
C LEU A 273 8.51 -24.21 -14.24
N GLY A 274 7.52 -23.73 -14.97
CA GLY A 274 6.35 -24.53 -15.27
C GLY A 274 5.50 -24.84 -14.05
N ILE A 275 5.32 -23.86 -13.16
CA ILE A 275 4.55 -24.04 -11.93
C ILE A 275 3.49 -22.95 -11.86
N GLU A 276 2.57 -23.11 -10.93
CA GLU A 276 1.49 -22.13 -10.75
CA GLU A 276 1.51 -22.11 -10.75
C GLU A 276 1.41 -21.59 -9.32
N TYR A 277 1.78 -22.39 -8.33
CA TYR A 277 1.53 -22.07 -6.92
C TYR A 277 2.82 -21.86 -6.15
N MET A 278 2.75 -20.99 -5.14
CA MET A 278 3.92 -20.64 -4.36
C MET A 278 4.57 -21.88 -3.76
N GLY A 279 3.77 -22.82 -3.27
CA GLY A 279 4.32 -24.01 -2.63
C GLY A 279 5.19 -24.85 -3.54
N GLU A 280 4.89 -24.86 -4.85
CA GLU A 280 5.69 -25.63 -5.79
C GLU A 280 7.14 -25.16 -5.84
N LEU A 281 7.42 -23.93 -5.42
CA LEU A 281 8.80 -23.46 -5.41
C LEU A 281 9.69 -24.27 -4.49
N THR A 282 9.13 -24.98 -3.50
CA THR A 282 10.00 -25.67 -2.56
C THR A 282 10.82 -26.76 -3.24
N GLN A 283 10.40 -27.20 -4.44
CA GLN A 283 11.07 -28.34 -5.04
CA GLN A 283 11.07 -28.35 -5.09
C GLN A 283 12.38 -27.97 -5.78
N PHE A 284 12.80 -26.71 -5.74
CA PHE A 284 14.02 -26.27 -6.40
C PHE A 284 15.09 -25.92 -5.37
N THR A 285 16.34 -26.16 -5.71
CA THR A 285 17.40 -25.73 -4.80
C THR A 285 17.57 -24.22 -4.85
N GLU A 286 18.20 -23.68 -3.80
CA GLU A 286 18.53 -22.27 -3.80
C GLU A 286 19.36 -21.91 -5.02
N SER A 287 20.33 -22.76 -5.38
N SER A 287 20.33 -22.75 -5.38
CA SER A 287 21.17 -22.47 -6.55
C SER A 287 20.35 -22.47 -7.85
N GLN A 288 19.39 -23.39 -7.97
CA GLN A 288 18.54 -23.39 -9.16
C GLN A 288 17.78 -22.09 -9.28
N LEU A 289 17.18 -21.64 -8.16
CA LEU A 289 16.41 -20.40 -8.23
C LEU A 289 17.31 -19.20 -8.51
N GLN A 290 18.49 -19.15 -7.89
CA GLN A 290 19.44 -18.08 -8.20
C GLN A 290 19.87 -18.13 -9.65
N SER A 291 20.00 -19.31 -10.23
CA SER A 291 20.43 -19.41 -11.61
C SER A 291 19.39 -18.80 -12.55
N HIS A 292 18.11 -18.90 -12.20
CA HIS A 292 17.11 -18.30 -13.08
C HIS A 292 16.80 -16.84 -12.78
N PHE A 293 16.81 -16.43 -11.52
CA PHE A 293 16.29 -15.13 -11.12
C PHE A 293 17.30 -14.24 -10.42
N GLY A 294 18.57 -14.62 -10.41
CA GLY A 294 19.58 -13.82 -9.76
C GLY A 294 19.79 -14.23 -8.32
N GLU A 295 20.96 -13.87 -7.78
N GLU A 295 20.95 -13.86 -7.77
CA GLU A 295 21.32 -14.26 -6.41
CA GLU A 295 21.30 -14.29 -6.40
C GLU A 295 20.28 -13.76 -5.40
C GLU A 295 20.27 -13.77 -5.39
N LYS A 296 19.95 -12.48 -5.48
CA LYS A 296 19.06 -11.89 -4.48
C LYS A 296 17.65 -12.47 -4.58
N ASN A 297 17.07 -12.44 -5.78
CA ASN A 297 15.72 -12.98 -5.95
C ASN A 297 15.69 -14.46 -5.65
N GLY A 298 16.73 -15.20 -6.06
CA GLY A 298 16.75 -16.64 -5.85
C GLY A 298 16.75 -17.02 -4.38
N SER A 299 17.58 -16.35 -3.58
CA SER A 299 17.60 -16.61 -2.14
C SER A 299 16.29 -16.19 -1.50
N TRP A 300 15.74 -15.05 -1.96
CA TRP A 300 14.47 -14.59 -1.42
C TRP A 300 13.36 -15.59 -1.71
N LEU A 301 13.30 -16.12 -2.94
CA LEU A 301 12.26 -17.09 -3.28
C LEU A 301 12.43 -18.39 -2.51
N TYR A 302 13.66 -18.86 -2.38
CA TYR A 302 13.91 -20.10 -1.66
C TYR A 302 13.38 -20.01 -0.23
N ALA A 303 13.68 -18.92 0.47
CA ALA A 303 13.18 -18.78 1.83
C ALA A 303 11.68 -18.47 1.84
N MET A 304 11.22 -17.62 0.92
CA MET A 304 9.83 -17.15 0.98
C MET A 304 8.84 -18.28 0.77
N CYS A 305 9.16 -19.22 -0.12
CA CYS A 305 8.21 -20.31 -0.34
C CYS A 305 8.09 -21.25 0.86
N ARG A 306 9.01 -21.16 1.81
CA ARG A 306 8.96 -21.85 3.10
C ARG A 306 8.39 -20.97 4.21
N GLY A 307 7.90 -19.78 3.86
CA GLY A 307 7.31 -18.86 4.82
C GLY A 307 8.29 -17.95 5.53
N ILE A 308 9.52 -17.84 5.04
CA ILE A 308 10.60 -17.15 5.73
C ILE A 308 11.04 -15.94 4.93
N GLU A 309 11.15 -14.79 5.61
CA GLU A 309 11.60 -13.58 4.97
C GLU A 309 12.23 -12.70 6.04
N HIS A 310 13.28 -11.97 5.68
CA HIS A 310 14.02 -11.22 6.73
C HIS A 310 13.86 -9.71 6.60
N ASP A 311 13.21 -9.21 5.57
CA ASP A 311 13.09 -7.78 5.33
C ASP A 311 12.61 -7.07 6.60
N PRO A 312 13.37 -6.13 7.14
CA PRO A 312 12.94 -5.49 8.39
C PRO A 312 11.82 -4.49 8.19
N VAL A 313 11.03 -4.34 9.24
CA VAL A 313 10.11 -3.22 9.36
C VAL A 313 10.96 -1.97 9.58
N LYS A 314 10.98 -1.07 8.59
CA LYS A 314 11.87 0.08 8.64
C LYS A 314 11.23 1.17 9.51
N PRO A 315 12.02 1.86 10.36
CA PRO A 315 11.46 2.94 11.18
C PRO A 315 11.24 4.17 10.32
N ARG A 316 10.13 4.25 9.60
CA ARG A 316 9.93 5.39 8.69
C ARG A 316 8.42 5.60 8.57
N GLN A 317 7.94 6.67 9.18
CA GLN A 317 6.53 7.04 9.20
C GLN A 317 6.17 8.05 8.13
N LEU A 318 7.14 8.78 7.60
CA LEU A 318 6.94 9.86 6.66
C LEU A 318 7.41 9.46 5.27
N PRO A 319 6.71 9.90 4.23
CA PRO A 319 7.23 9.68 2.87
C PRO A 319 8.60 10.34 2.71
N LYS A 320 9.45 9.74 1.87
CA LYS A 320 10.78 10.29 1.64
C LYS A 320 10.88 11.10 0.35
N THR A 321 9.78 11.20 -0.40
CA THR A 321 9.69 12.08 -1.54
C THR A 321 8.34 12.77 -1.47
N ILE A 322 8.26 13.96 -2.07
CA ILE A 322 7.00 14.68 -2.17
C ILE A 322 6.84 15.06 -3.64
N GLY A 323 5.85 14.49 -4.31
CA GLY A 323 5.73 14.62 -5.74
C GLY A 323 4.38 15.14 -6.18
N CYS A 324 4.39 15.75 -7.36
CA CYS A 324 3.20 16.32 -8.02
CA CYS A 324 3.21 16.34 -8.01
CA CYS A 324 3.18 16.26 -8.00
C CYS A 324 3.27 16.00 -9.50
N SER A 325 2.22 15.38 -10.03
CA SER A 325 2.24 14.97 -11.42
CA SER A 325 2.21 14.85 -11.39
C SER A 325 0.87 15.14 -12.06
N LYS A 326 0.91 15.37 -13.37
CA LYS A 326 -0.33 15.47 -14.13
CA LYS A 326 -0.34 15.50 -14.15
C LYS A 326 -0.13 14.89 -15.53
N ASN A 327 -1.09 14.06 -15.94
CA ASN A 327 -1.18 13.52 -17.28
C ASN A 327 -1.96 14.49 -18.19
N PHE A 328 -1.60 14.48 -19.46
CA PHE A 328 -2.27 15.29 -20.48
C PHE A 328 -2.57 14.34 -21.63
N PRO A 329 -3.64 13.55 -21.52
CA PRO A 329 -3.87 12.47 -22.48
C PRO A 329 -4.54 12.94 -23.77
N GLY A 330 -4.40 12.10 -24.79
CA GLY A 330 -5.03 12.31 -26.08
C GLY A 330 -4.83 13.69 -26.64
N LYS A 331 -5.93 14.37 -26.93
CA LYS A 331 -5.88 15.69 -27.56
C LYS A 331 -5.50 16.81 -26.60
N THR A 332 -5.35 16.53 -25.31
CA THR A 332 -4.98 17.59 -24.37
C THR A 332 -3.48 17.73 -24.17
N ALA A 333 -2.67 16.92 -24.86
CA ALA A 333 -1.22 16.99 -24.72
C ALA A 333 -0.71 18.40 -25.00
N LEU A 334 0.33 18.80 -24.27
CA LEU A 334 0.81 20.17 -24.29
C LEU A 334 1.67 20.39 -25.54
N ALA A 335 1.30 21.39 -26.35
CA ALA A 335 1.96 21.63 -27.63
C ALA A 335 2.55 23.02 -27.78
N THR A 336 2.42 23.89 -26.78
CA THR A 336 2.98 25.23 -26.85
C THR A 336 3.87 25.47 -25.63
N ARG A 337 4.83 26.39 -25.80
CA ARG A 337 5.73 26.72 -24.71
C ARG A 337 4.96 27.30 -23.52
N GLU A 338 4.02 28.21 -23.78
CA GLU A 338 3.26 28.82 -22.70
C GLU A 338 2.46 27.79 -21.93
N GLN A 339 1.98 26.75 -22.62
CA GLN A 339 1.25 25.68 -21.93
C GLN A 339 2.14 24.95 -20.96
N VAL A 340 3.30 24.48 -21.43
CA VAL A 340 4.28 23.80 -20.58
C VAL A 340 4.65 24.67 -19.39
N GLN A 341 4.89 25.97 -19.63
CA GLN A 341 5.29 26.85 -18.55
C GLN A 341 4.17 27.01 -17.53
N TRP A 342 2.94 27.18 -18.00
CA TRP A 342 1.81 27.38 -17.10
C TRP A 342 1.58 26.15 -16.22
N TRP A 343 1.65 24.96 -16.81
CA TRP A 343 1.41 23.76 -16.03
C TRP A 343 2.58 23.46 -15.09
N LEU A 344 3.81 23.72 -15.53
CA LEU A 344 4.93 23.55 -14.61
C LEU A 344 4.73 24.45 -13.40
N LEU A 345 4.23 25.67 -13.63
CA LEU A 345 3.95 26.56 -12.52
C LEU A 345 2.86 26.00 -11.62
N GLN A 346 1.78 25.47 -12.18
CA GLN A 346 0.72 24.93 -11.34
C GLN A 346 1.25 23.81 -10.44
N LEU A 347 2.02 22.90 -11.04
CA LEU A 347 2.61 21.80 -10.29
C LEU A 347 3.55 22.33 -9.21
N ALA A 348 4.39 23.30 -9.57
CA ALA A 348 5.34 23.86 -8.63
C ALA A 348 4.64 24.55 -7.47
N GLN A 349 3.50 25.18 -7.73
CA GLN A 349 2.78 25.85 -6.65
C GLN A 349 2.17 24.84 -5.69
N GLU A 350 1.59 23.76 -6.20
CA GLU A 350 1.12 22.73 -5.28
C GLU A 350 2.30 22.15 -4.49
N LEU A 351 3.40 21.89 -5.17
CA LEU A 351 4.60 21.30 -4.51
C LEU A 351 5.12 22.24 -3.42
N GLU A 352 5.18 23.54 -3.74
CA GLU A 352 5.68 24.48 -2.73
C GLU A 352 4.79 24.49 -1.49
N GLU A 353 3.46 24.49 -1.70
CA GLU A 353 2.54 24.37 -0.57
C GLU A 353 2.87 23.16 0.30
N ARG A 354 3.01 22.02 -0.34
CA ARG A 354 3.23 20.77 0.43
CA ARG A 354 3.23 20.77 0.43
C ARG A 354 4.59 20.80 1.11
N LEU A 355 5.60 21.31 0.41
CA LEU A 355 6.95 21.34 0.95
C LEU A 355 7.04 22.28 2.15
N THR A 356 6.41 23.45 2.07
CA THR A 356 6.44 24.37 3.20
C THR A 356 5.77 23.75 4.42
N LYS A 357 4.63 23.08 4.22
CA LYS A 357 3.97 22.39 5.34
C LYS A 357 4.87 21.26 5.87
N ASP A 358 5.51 20.52 4.96
CA ASP A 358 6.37 19.44 5.41
C ASP A 358 7.53 19.97 6.26
N ARG A 359 8.11 21.09 5.86
CA ARG A 359 9.25 21.66 6.61
C ARG A 359 8.81 22.09 8.00
N ASN A 360 7.63 22.69 8.10
CA ASN A 360 7.16 23.11 9.43
C ASN A 360 6.80 21.92 10.30
N ASP A 361 6.21 20.87 9.72
CA ASP A 361 5.75 19.73 10.53
C ASP A 361 6.89 18.80 10.93
N ASN A 362 7.85 18.61 10.03
CA ASN A 362 8.76 17.47 10.12
C ASN A 362 10.23 17.85 10.20
N ASP A 363 10.57 19.15 10.26
CA ASP A 363 11.95 19.58 10.56
C ASP A 363 12.93 19.05 9.53
N ARG A 364 12.62 19.25 8.25
CA ARG A 364 13.48 18.80 7.18
C ARG A 364 13.25 19.66 5.94
N VAL A 365 14.24 19.67 5.06
CA VAL A 365 14.16 20.37 3.79
C VAL A 365 14.62 19.45 2.67
N ALA A 366 13.88 19.46 1.56
CA ALA A 366 14.30 18.77 0.35
C ALA A 366 15.41 19.54 -0.36
N THR A 367 16.37 18.80 -0.93
CA THR A 367 17.51 19.45 -1.55
C THR A 367 17.68 19.15 -3.04
N GLN A 368 16.85 18.29 -3.62
CA GLN A 368 16.95 17.93 -5.02
C GLN A 368 15.56 17.96 -5.64
N LEU A 369 15.46 18.50 -6.84
CA LEU A 369 14.22 18.57 -7.60
C LEU A 369 14.38 17.67 -8.82
N VAL A 370 13.49 16.68 -8.94
CA VAL A 370 13.45 15.77 -10.08
C VAL A 370 12.33 16.21 -11.00
N VAL A 371 12.62 16.35 -12.28
CA VAL A 371 11.66 16.76 -13.29
C VAL A 371 11.53 15.63 -14.30
N SER A 372 10.30 15.18 -14.53
CA SER A 372 10.05 14.07 -15.43
C SER A 372 8.97 14.46 -16.43
N ILE A 373 9.11 13.96 -17.64
CA ILE A 373 8.10 14.14 -18.67
C ILE A 373 7.87 12.85 -19.43
N ARG A 374 6.73 12.86 -20.14
CA ARG A 374 6.37 11.76 -21.07
C ARG A 374 5.98 12.47 -22.37
N VAL A 375 6.51 12.00 -23.50
CA VAL A 375 6.20 12.57 -24.80
C VAL A 375 5.18 11.69 -25.49
N GLN A 376 4.41 12.30 -26.38
CA GLN A 376 3.39 11.57 -27.14
C GLN A 376 4.04 10.49 -27.99
N GLY A 377 3.54 9.27 -27.88
CA GLY A 377 4.03 8.14 -28.63
C GLY A 377 4.82 7.14 -27.80
N ASP A 378 5.37 7.57 -26.67
CA ASP A 378 6.14 6.68 -25.82
C ASP A 378 5.20 5.82 -24.98
N LYS A 379 5.33 4.50 -25.10
CA LYS A 379 4.51 3.58 -24.32
C LYS A 379 4.93 3.54 -22.86
N ARG A 380 6.14 3.96 -22.54
CA ARG A 380 6.62 3.95 -21.16
C ARG A 380 5.89 5.01 -20.34
N LEU A 381 5.87 4.80 -19.02
CA LEU A 381 5.20 5.73 -18.12
C LEU A 381 5.94 7.06 -18.04
N SER A 382 7.27 7.03 -18.04
CA SER A 382 8.09 8.23 -17.99
C SER A 382 9.06 8.21 -19.16
N SER A 383 9.16 9.34 -19.85
CA SER A 383 10.03 9.44 -21.02
C SER A 383 11.42 9.95 -20.67
N LEU A 384 11.50 10.99 -19.83
CA LEU A 384 12.82 11.48 -19.41
C LEU A 384 12.73 12.01 -17.99
N ARG A 385 13.79 11.75 -17.22
CA ARG A 385 13.87 12.22 -15.83
C ARG A 385 15.22 12.92 -15.65
N ARG A 386 15.21 14.11 -15.10
CA ARG A 386 16.45 14.86 -14.88
C ARG A 386 16.36 15.59 -13.55
N CYS A 387 17.48 15.66 -12.83
CA CYS A 387 17.51 16.32 -11.53
C CYS A 387 18.25 17.65 -11.62
N CYS A 388 17.91 18.53 -10.67
CA CYS A 388 18.61 19.78 -10.46
C CYS A 388 18.53 20.13 -8.98
N ALA A 389 19.23 21.20 -8.58
CA ALA A 389 19.26 21.58 -7.18
C ALA A 389 17.95 22.21 -6.75
N LEU A 390 17.48 21.86 -5.56
CA LEU A 390 16.35 22.53 -4.93
C LEU A 390 16.89 23.30 -3.74
N THR A 391 17.01 24.63 -3.90
CA THR A 391 17.64 25.47 -2.88
C THR A 391 16.67 26.40 -2.17
N ARG A 392 15.50 26.68 -2.75
CA ARG A 392 14.52 27.60 -2.21
C ARG A 392 13.14 27.05 -2.50
N TYR A 393 12.26 27.08 -1.50
CA TYR A 393 10.86 26.69 -1.67
C TYR A 393 10.12 27.86 -2.31
N ASP A 394 10.33 28.02 -3.61
CA ASP A 394 9.68 29.07 -4.39
C ASP A 394 9.16 28.46 -5.69
N ALA A 395 7.84 28.55 -5.90
CA ALA A 395 7.23 27.89 -7.04
C ALA A 395 7.73 28.43 -8.37
N HIS A 396 7.90 29.76 -8.48
CA HIS A 396 8.37 30.32 -9.74
C HIS A 396 9.79 29.87 -10.05
N LYS A 397 10.67 29.86 -9.04
CA LYS A 397 12.01 29.38 -9.28
C LYS A 397 12.02 27.90 -9.63
N MET A 398 11.20 27.11 -8.93
CA MET A 398 11.21 25.65 -9.19
C MET A 398 10.71 25.39 -10.63
N SER A 399 9.68 26.12 -11.04
CA SER A 399 9.11 25.89 -12.38
C SER A 399 10.05 26.39 -13.47
N HIS A 400 10.74 27.51 -13.22
CA HIS A 400 11.76 27.98 -14.14
C HIS A 400 12.90 26.99 -14.26
N ASP A 401 13.37 26.43 -13.12
CA ASP A 401 14.44 25.45 -13.17
C ASP A 401 14.01 24.18 -13.89
N ALA A 402 12.77 23.73 -13.65
CA ALA A 402 12.26 22.56 -14.34
C ALA A 402 12.23 22.78 -15.85
N PHE A 403 11.78 23.97 -16.27
CA PHE A 403 11.75 24.27 -17.70
C PHE A 403 13.16 24.33 -18.27
N THR A 404 14.10 24.94 -17.53
CA THR A 404 15.49 24.97 -17.98
C THR A 404 16.03 23.56 -18.17
N VAL A 405 15.62 22.64 -17.30
CA VAL A 405 16.12 21.28 -17.35
C VAL A 405 15.52 20.51 -18.53
N ILE A 406 14.28 20.81 -18.92
CA ILE A 406 13.61 20.03 -19.96
C ILE A 406 13.51 20.74 -21.32
N LYS A 407 13.96 21.99 -21.43
CA LYS A 407 13.69 22.78 -22.62
C LYS A 407 14.33 22.20 -23.88
N ASN A 408 15.44 21.48 -23.74
CA ASN A 408 16.15 20.88 -24.89
C ASN A 408 15.36 19.72 -25.51
N CYS A 409 14.26 19.32 -24.86
CA CYS A 409 13.49 18.14 -25.34
C CYS A 409 12.56 18.59 -26.48
N ASN A 410 12.37 19.89 -26.66
CA ASN A 410 11.52 20.43 -27.75
C ASN A 410 12.26 20.27 -29.08
N THR A 411 11.83 19.33 -29.92
CA THR A 411 12.46 19.09 -31.26
C THR A 411 11.90 20.09 -32.27
N SER A 412 10.93 20.92 -31.86
CA SER A 412 10.31 21.92 -32.77
C SER A 412 11.34 22.95 -33.21
N GLY A 413 11.33 23.37 -34.47
CA GLY A 413 12.22 24.45 -34.89
C GLY A 413 11.87 25.76 -34.21
N ILE A 414 10.60 26.16 -34.33
CA ILE A 414 10.12 27.35 -33.64
C ILE A 414 10.00 27.07 -32.15
N GLN A 415 10.46 28.03 -31.33
CA GLN A 415 10.40 27.87 -29.87
C GLN A 415 8.96 27.89 -29.36
N THR A 416 8.09 28.65 -30.02
CA THR A 416 6.74 28.87 -29.49
C THR A 416 5.93 27.59 -29.43
N GLU A 417 6.20 26.65 -30.33
CA GLU A 417 5.55 25.34 -30.30
C GLU A 417 6.35 24.37 -29.46
N TRP A 418 5.72 23.26 -29.10
CA TRP A 418 6.45 22.19 -28.38
C TRP A 418 6.24 20.86 -29.09
N SER A 419 7.31 20.24 -29.57
CA SER A 419 7.22 18.90 -30.20
C SER A 419 8.24 17.97 -29.59
N PRO A 420 7.96 16.66 -29.49
CA PRO A 420 6.60 16.17 -29.66
C PRO A 420 5.75 16.57 -28.44
N PRO A 421 4.41 16.63 -28.56
CA PRO A 421 3.54 17.09 -27.46
C PRO A 421 3.77 16.33 -26.15
N LEU A 422 3.54 16.98 -25.01
CA LEU A 422 3.86 16.44 -23.68
C LEU A 422 2.59 15.84 -23.08
N THR A 423 2.66 14.55 -22.74
CA THR A 423 1.51 13.86 -22.17
C THR A 423 1.61 13.68 -20.66
N MET A 424 2.70 14.14 -20.03
CA MET A 424 2.82 14.07 -18.59
CA MET A 424 2.81 14.08 -18.58
C MET A 424 3.90 15.04 -18.13
N LEU A 425 3.64 15.72 -17.01
CA LEU A 425 4.62 16.52 -16.28
C LEU A 425 4.66 16.03 -14.84
N PHE A 426 5.86 16.07 -14.25
CA PHE A 426 6.07 15.52 -12.92
CA PHE A 426 6.09 15.52 -12.93
C PHE A 426 7.20 16.29 -12.25
N LEU A 427 6.94 16.81 -11.05
CA LEU A 427 7.95 17.44 -10.22
C LEU A 427 8.02 16.69 -8.91
N CYS A 428 9.23 16.34 -8.49
CA CYS A 428 9.40 15.57 -7.26
C CYS A 428 10.52 16.16 -6.42
N ALA A 429 10.23 16.42 -5.15
CA ALA A 429 11.25 16.87 -4.20
C ALA A 429 11.78 15.67 -3.44
N THR A 430 13.10 15.59 -3.34
CA THR A 430 13.75 14.43 -2.76
C THR A 430 15.01 14.88 -2.04
N LYS A 431 15.72 13.91 -1.45
CA LYS A 431 17.00 14.12 -0.77
C LYS A 431 16.83 15.07 0.41
N PHE A 432 16.04 14.63 1.38
CA PHE A 432 15.70 15.47 2.52
C PHE A 432 16.86 15.52 3.50
N SER A 433 17.04 16.69 4.14
CA SER A 433 18.06 16.90 5.16
C SER A 433 17.40 17.55 6.36
N ALA A 434 17.95 17.27 7.54
CA ALA A 434 17.38 17.83 8.77
C ALA A 434 17.46 19.34 8.74
N SER A 435 16.44 19.98 9.30
CA SER A 435 16.42 21.44 9.37
C SER A 435 15.64 21.89 10.61
P U7B C 8 -1.05 -3.66 -3.45
C5' U7B C 8 -0.60 -1.51 -1.89
C5' U7B C 8 -0.54 -1.47 -1.95
O5' U7B C 8 -1.33 -2.10 -2.97
C4' U7B C 8 -0.64 -0.07 -2.06
C4' U7B C 8 -0.71 -0.02 -2.07
O4' U7B C 8 -0.22 0.26 -3.40
O4' U7B C 8 -0.21 0.42 -3.36
C3' U7B C 8 -2.08 0.45 -2.03
C3' U7B C 8 -2.20 0.32 -2.04
O3' U7B C 8 -2.50 0.75 -0.67
O3' U7B C 8 -2.53 1.01 -0.80
C2' U7B C 8 -1.98 1.77 -2.84
C2' U7B C 8 -2.43 1.24 -3.30
C1' U7B C 8 -0.65 1.58 -3.71
C1' U7B C 8 -0.94 1.57 -3.77
N1 U7B C 8 -0.80 1.66 -5.13
N1 U7B C 8 -0.91 1.66 -5.20
C2 U7B C 8 -0.83 2.91 -5.73
C2 U7B C 8 -0.86 2.93 -5.78
O2 U7B C 8 -0.79 3.91 -5.04
O2 U7B C 8 -0.84 3.92 -5.07
N3 U7B C 8 -0.91 3.01 -7.08
N3 U7B C 8 -0.83 3.04 -7.13
C4 U7B C 8 -0.96 1.93 -7.84
C4 U7B C 8 -0.86 1.95 -7.90
N4 U7B C 8 -1.04 2.05 -9.15
N4 U7B C 8 -0.83 2.08 -9.22
C5 U7B C 8 -0.92 0.65 -7.25
C5 U7B C 8 -0.91 0.66 -7.32
C6 U7B C 8 -0.83 0.53 -5.91
C6 U7B C 8 -0.94 0.54 -5.98
OP1 U7B C 8 -1.32 -4.59 -2.30
OP2 U7B C 8 -1.90 -3.95 -4.66
F1 U7B C 8 -1.79 2.82 -2.00
F1 U7B C 8 -3.12 2.37 -3.04
F2 U7B C 8 -3.08 2.01 -3.57
F2 U7B C 8 -3.14 0.58 -4.26
MG MG D . -6.84 -0.32 1.87
MG MG E . -3.43 -0.43 0.89
N1 DZ4 F . -4.49 5.05 -8.30
C2 DZ4 F . -4.79 6.04 -7.46
N3 DZ4 F . -5.17 5.88 -6.21
C4 DZ4 F . -5.24 4.60 -5.77
C5 DZ4 F . -4.95 3.51 -6.60
C6 DZ4 F . -4.55 3.77 -7.91
N6 DZ4 F . -4.26 2.78 -8.77
N7 DZ4 F . -5.12 2.38 -5.87
C8 DZ4 F . -5.52 2.76 -4.63
N9 DZ4 F . -5.60 4.10 -4.58
PA DZ4 F . -5.87 0.13 -1.29
PB DZ4 F . -8.70 0.48 -0.54
PG DZ4 F . -9.20 -2.22 0.45
C1' DZ4 F . -5.98 4.91 -3.39
O1A DZ4 F . -5.52 -0.25 0.08
O1B DZ4 F . -8.16 0.90 0.76
O1G DZ4 F . -7.86 -1.99 1.09
C2' DZ4 F . -7.46 4.84 -3.04
O2A DZ4 F . -5.16 -0.71 -2.42
O2B DZ4 F . -9.64 1.47 -1.25
O2G DZ4 F . -10.32 -2.41 1.48
C3' DZ4 F . -7.50 3.73 -1.99
O3' DZ4 F . -8.60 3.95 -1.09
N3A DZ4 F . -7.50 0.01 -1.56
O3B DZ4 F . -9.57 -0.83 -0.35
O3G DZ4 F . -9.26 -3.34 -0.63
C4' DZ4 F . -6.18 3.98 -1.27
O4' DZ4 F . -5.24 4.42 -2.28
C5' DZ4 F . -5.63 2.68 -0.60
O5' DZ4 F . -5.46 1.66 -1.58
C1 GOL G . 2.83 -27.82 -1.62
O1 GOL G . 3.35 -27.23 -2.80
C2 GOL G . 3.22 -27.05 -0.36
O2 GOL G . 2.70 -25.73 -0.40
C3 GOL G . 4.70 -27.03 -0.07
O3 GOL G . 4.95 -26.60 1.26
#